data_6SX7
#
_entry.id   6SX7
#
_cell.length_a   109.004
_cell.length_b   109.004
_cell.length_c   208.827
_cell.angle_alpha   90.000
_cell.angle_beta   90.000
_cell.angle_gamma   90.000
#
_symmetry.space_group_name_H-M   'I 4 2 2'
#
loop_
_entity.id
_entity.type
_entity.pdbx_description
1 polymer 'Ion transport protein'
2 non-polymer 'SODIUM ION'
3 non-polymer HEGA-10
4 non-polymer 'DODECAETHYLENE GLYCOL'
5 non-polymer 1-ETHOXY-2-(2-METHOXYETHOXY)ETHANE
6 water water
#
_entity_poly.entity_id   1
_entity_poly.type   'polypeptide(L)'
_entity_poly.pdbx_seq_one_letter_code
;GSHMSRKIRDLIESKRFQNVITAIIVLNGAVLGLLTDTTLSASSQNLLERVDQLCLTIFIVEISLKIYAYGVRGFFRSGW
NLFDFVIVAIALMPAQGSLSVLRTFRIFRVMRLVSVIPTMRRVVQGMLLALPGVGSVAALLTVVFYIAAVMATNLYGATF
PEWFGDLSKSLYTLFQVMTLESWSMGIVRPVMNVHPNAWVFFIPFIMLTTLTVLNLFIGIIVDAMAITKEQEEEAKTGHH
QEPISQTLLHLGDRLDRIEKQLAQNNELLQRQQPQKK
;
_entity_poly.pdbx_strand_id   A
#
loop_
_chem_comp.id
_chem_comp.type
_chem_comp.name
_chem_comp.formula
12P non-polymer 'DODECAETHYLENE GLYCOL' 'C24 H50 O13'
2CV non-polymer HEGA-10 'C18 H37 N O7'
ME2 non-polymer 1-ETHOXY-2-(2-METHOXYETHOXY)ETHANE 'C7 H16 O3'
NA non-polymer 'SODIUM ION' 'Na 1'
#
# COMPACT_ATOMS: atom_id res chain seq x y z
N HIS A 3 37.24 -11.08 -3.17
CA HIS A 3 36.40 -10.77 -2.01
C HIS A 3 35.73 -9.39 -2.10
N MET A 4 36.02 -8.61 -3.18
CA MET A 4 35.51 -7.26 -3.40
C MET A 4 33.98 -7.16 -3.29
N SER A 5 33.22 -8.03 -4.00
CA SER A 5 31.77 -8.06 -3.97
C SER A 5 31.23 -8.33 -2.56
N ARG A 6 31.92 -9.22 -1.81
CA ARG A 6 31.60 -9.59 -0.43
C ARG A 6 31.86 -8.44 0.55
N LYS A 7 32.93 -7.64 0.31
CA LYS A 7 33.26 -6.48 1.13
C LYS A 7 32.19 -5.39 0.92
N ILE A 8 31.68 -5.27 -0.33
CA ILE A 8 30.65 -4.30 -0.73
C ILE A 8 29.28 -4.68 -0.12
N ARG A 9 28.92 -6.00 -0.10
CA ARG A 9 27.68 -6.49 0.52
C ARG A 9 27.68 -6.20 2.02
N ASP A 10 28.84 -6.37 2.69
CA ASP A 10 29.00 -6.09 4.12
C ASP A 10 28.77 -4.61 4.41
N LEU A 11 29.15 -3.73 3.45
CA LEU A 11 28.94 -2.28 3.51
C LEU A 11 27.45 -1.98 3.28
N ILE A 12 26.86 -2.52 2.18
CA ILE A 12 25.46 -2.38 1.78
C ILE A 12 24.50 -2.81 2.90
N GLU A 13 24.74 -3.99 3.48
CA GLU A 13 23.91 -4.58 4.54
C GLU A 13 24.17 -4.01 5.95
N SER A 14 25.11 -3.07 6.09
CA SER A 14 25.40 -2.46 7.40
C SER A 14 24.32 -1.43 7.81
N LYS A 15 24.27 -1.11 9.12
CA LYS A 15 23.34 -0.15 9.71
C LYS A 15 23.69 1.29 9.29
N ARG A 16 25.01 1.64 9.31
CA ARG A 16 25.52 2.97 8.92
C ARG A 16 25.16 3.35 7.48
N PHE A 17 25.35 2.41 6.52
CA PHE A 17 25.02 2.62 5.11
C PHE A 17 23.53 2.88 4.95
N GLN A 18 22.68 2.09 5.67
CA GLN A 18 21.23 2.23 5.68
C GLN A 18 20.85 3.62 6.21
N ASN A 19 21.56 4.09 7.28
CA ASN A 19 21.37 5.40 7.90
C ASN A 19 21.72 6.54 6.95
N VAL A 20 22.82 6.40 6.17
CA VAL A 20 23.26 7.40 5.20
C VAL A 20 22.20 7.53 4.11
N ILE A 21 21.77 6.40 3.51
CA ILE A 21 20.74 6.37 2.48
C ILE A 21 19.41 6.96 3.00
N THR A 22 18.99 6.62 4.24
CA THR A 22 17.78 7.14 4.90
C THR A 22 17.88 8.67 5.04
N ALA A 23 19.06 9.17 5.48
CA ALA A 23 19.35 10.60 5.65
C ALA A 23 19.28 11.35 4.32
N ILE A 24 19.64 10.68 3.21
CA ILE A 24 19.61 11.28 1.86
C ILE A 24 18.15 11.32 1.33
N ILE A 25 17.31 10.30 1.66
CA ILE A 25 15.89 10.27 1.26
C ILE A 25 15.17 11.41 2.00
N VAL A 26 15.44 11.58 3.31
CA VAL A 26 14.87 12.64 4.15
C VAL A 26 15.29 14.02 3.58
N LEU A 27 16.59 14.18 3.24
CA LEU A 27 17.12 15.40 2.64
C LEU A 27 16.44 15.70 1.29
N ASN A 28 16.30 14.68 0.43
CA ASN A 28 15.65 14.83 -0.88
C ASN A 28 14.18 15.18 -0.71
N GLY A 29 13.53 14.58 0.29
CA GLY A 29 12.13 14.84 0.62
C GLY A 29 11.94 16.26 1.11
N ALA A 30 12.90 16.74 1.94
CA ALA A 30 12.91 18.10 2.50
C ALA A 30 13.10 19.15 1.40
N VAL A 31 13.99 18.90 0.41
CA VAL A 31 14.22 19.87 -0.66
C VAL A 31 13.00 19.95 -1.62
N LEU A 32 12.35 18.80 -1.89
CA LEU A 32 11.16 18.77 -2.75
C LEU A 32 9.96 19.48 -2.08
N GLY A 33 9.92 19.47 -0.75
CA GLY A 33 8.91 20.16 0.05
C GLY A 33 9.14 21.66 0.04
N LEU A 34 10.42 22.08 0.07
CA LEU A 34 10.79 23.50 0.01
C LEU A 34 10.50 24.06 -1.38
N LEU A 35 10.62 23.21 -2.44
CA LEU A 35 10.35 23.59 -3.83
C LEU A 35 8.85 23.80 -4.16
N THR A 36 7.96 23.55 -3.18
CA THR A 36 6.51 23.76 -3.38
C THR A 36 6.22 25.25 -3.18
N ASP A 37 7.14 25.97 -2.47
CA ASP A 37 7.07 27.39 -2.17
C ASP A 37 7.28 28.22 -3.42
N THR A 38 6.21 28.87 -3.86
CA THR A 38 6.12 29.72 -5.05
C THR A 38 6.96 31.03 -4.93
N THR A 39 7.07 31.59 -3.70
CA THR A 39 7.77 32.84 -3.40
C THR A 39 9.32 32.80 -3.51
N LEU A 40 9.94 31.60 -3.48
CA LEU A 40 11.40 31.42 -3.54
C LEU A 40 12.08 32.11 -4.72
N SER A 41 13.31 32.61 -4.49
CA SER A 41 14.10 33.26 -5.53
C SER A 41 14.61 32.22 -6.54
N ALA A 42 15.08 32.68 -7.71
CA ALA A 42 15.62 31.82 -8.76
C ALA A 42 16.87 31.09 -8.27
N SER A 43 17.72 31.78 -7.49
CA SER A 43 18.97 31.21 -6.93
C SER A 43 18.67 30.13 -5.88
N SER A 44 17.68 30.39 -4.99
CA SER A 44 17.24 29.42 -3.97
C SER A 44 16.70 28.15 -4.62
N GLN A 45 15.89 28.30 -5.69
CA GLN A 45 15.32 27.19 -6.45
C GLN A 45 16.42 26.38 -7.14
N ASN A 46 17.37 27.08 -7.78
CA ASN A 46 18.53 26.50 -8.47
C ASN A 46 19.37 25.65 -7.51
N LEU A 47 19.64 26.18 -6.30
CA LEU A 47 20.40 25.53 -5.24
C LEU A 47 19.74 24.22 -4.81
N LEU A 48 18.43 24.29 -4.48
CA LEU A 48 17.62 23.13 -4.07
C LEU A 48 17.53 22.09 -5.17
N GLU A 49 17.47 22.52 -6.45
CA GLU A 49 17.42 21.62 -7.60
C GLU A 49 18.76 20.86 -7.76
N ARG A 50 19.88 21.49 -7.37
CA ARG A 50 21.22 20.88 -7.40
C ARG A 50 21.34 19.88 -6.26
N VAL A 51 20.71 20.17 -5.08
CA VAL A 51 20.69 19.27 -3.92
C VAL A 51 19.89 17.99 -4.28
N ASP A 52 18.77 18.16 -5.03
CA ASP A 52 17.95 17.06 -5.54
C ASP A 52 18.76 16.19 -6.52
N GLN A 53 19.61 16.85 -7.35
CA GLN A 53 20.50 16.20 -8.33
C GLN A 53 21.56 15.37 -7.60
N LEU A 54 22.13 15.94 -6.50
CA LEU A 54 23.13 15.32 -5.64
C LEU A 54 22.54 14.10 -4.92
N CYS A 55 21.29 14.23 -4.43
CA CYS A 55 20.56 13.15 -3.74
C CYS A 55 20.34 11.98 -4.68
N LEU A 56 19.85 12.28 -5.90
CA LEU A 56 19.57 11.29 -6.94
C LEU A 56 20.85 10.56 -7.40
N THR A 57 21.98 11.29 -7.51
CA THR A 57 23.29 10.72 -7.89
C THR A 57 23.75 9.69 -6.83
N ILE A 58 23.56 9.99 -5.52
CA ILE A 58 23.90 9.09 -4.41
C ILE A 58 23.08 7.79 -4.54
N PHE A 59 21.79 7.90 -4.96
CA PHE A 59 20.92 6.74 -5.16
C PHE A 59 21.35 5.90 -6.36
N ILE A 60 21.97 6.53 -7.40
CA ILE A 60 22.47 5.84 -8.60
C ILE A 60 23.70 4.99 -8.23
N VAL A 61 24.65 5.58 -7.47
CA VAL A 61 25.87 4.91 -6.99
C VAL A 61 25.47 3.71 -6.13
N GLU A 62 24.53 3.91 -5.18
CA GLU A 62 23.97 2.90 -4.27
C GLU A 62 23.35 1.72 -5.01
N ILE A 63 22.44 1.96 -5.98
CA ILE A 63 21.77 0.91 -6.76
C ILE A 63 22.79 0.16 -7.64
N SER A 64 23.76 0.88 -8.24
CA SER A 64 24.83 0.30 -9.06
C SER A 64 25.73 -0.58 -8.21
N LEU A 65 26.03 -0.12 -6.97
CA LEU A 65 26.82 -0.84 -5.98
C LEU A 65 26.09 -2.12 -5.59
N LYS A 66 24.74 -2.07 -5.55
CA LYS A 66 23.86 -3.21 -5.24
C LYS A 66 23.80 -4.21 -6.40
N ILE A 67 23.66 -3.73 -7.66
CA ILE A 67 23.60 -4.59 -8.86
C ILE A 67 24.90 -5.39 -9.02
N TYR A 68 26.06 -4.77 -8.79
CA TYR A 68 27.36 -5.44 -8.88
C TYR A 68 27.56 -6.46 -7.75
N ALA A 69 27.20 -6.10 -6.50
CA ALA A 69 27.39 -6.96 -5.33
C ALA A 69 26.37 -8.10 -5.20
N TYR A 70 25.34 -8.15 -6.05
CA TYR A 70 24.32 -9.19 -5.97
C TYR A 70 24.13 -9.93 -7.30
N GLY A 71 24.37 -9.22 -8.39
CA GLY A 71 24.18 -9.73 -9.75
C GLY A 71 22.84 -9.25 -10.28
N VAL A 72 22.76 -9.00 -11.60
CA VAL A 72 21.55 -8.51 -12.30
C VAL A 72 20.30 -9.32 -11.91
N ARG A 73 20.36 -10.65 -12.02
CA ARG A 73 19.23 -11.53 -11.66
C ARG A 73 18.99 -11.64 -10.15
N GLY A 74 20.06 -11.55 -9.36
CA GLY A 74 20.02 -11.61 -7.90
C GLY A 74 19.38 -10.39 -7.27
N PHE A 75 19.64 -9.21 -7.87
CA PHE A 75 19.10 -7.92 -7.42
C PHE A 75 17.61 -7.86 -7.76
N PHE A 76 17.26 -8.06 -9.05
CA PHE A 76 15.89 -8.01 -9.57
C PHE A 76 14.98 -9.15 -9.03
N ARG A 77 15.54 -10.08 -8.23
CA ARG A 77 14.82 -11.19 -7.58
C ARG A 77 13.88 -10.64 -6.52
N SER A 78 14.26 -9.52 -5.87
CA SER A 78 13.48 -8.83 -4.85
C SER A 78 12.63 -7.72 -5.45
N GLY A 79 11.37 -7.64 -5.02
CA GLY A 79 10.41 -6.64 -5.46
C GLY A 79 10.79 -5.24 -5.01
N TRP A 80 11.37 -5.14 -3.79
CA TRP A 80 11.84 -3.90 -3.19
C TRP A 80 13.01 -3.30 -3.93
N ASN A 81 13.92 -4.15 -4.47
CA ASN A 81 15.08 -3.71 -5.25
C ASN A 81 14.63 -3.18 -6.61
N LEU A 82 13.67 -3.88 -7.26
CA LEU A 82 13.09 -3.49 -8.55
C LEU A 82 12.37 -2.15 -8.40
N PHE A 83 11.59 -1.98 -7.31
CA PHE A 83 10.86 -0.76 -6.99
C PHE A 83 11.84 0.40 -6.82
N ASP A 84 12.95 0.18 -6.08
CA ASP A 84 14.00 1.18 -5.85
C ASP A 84 14.68 1.54 -7.16
N PHE A 85 14.87 0.54 -8.04
CA PHE A 85 15.47 0.72 -9.35
C PHE A 85 14.57 1.58 -10.23
N VAL A 86 13.28 1.21 -10.34
CA VAL A 86 12.26 1.92 -11.13
C VAL A 86 12.14 3.38 -10.67
N ILE A 87 11.98 3.62 -9.35
CA ILE A 87 11.87 4.95 -8.73
C ILE A 87 13.05 5.88 -9.13
N VAL A 88 14.28 5.37 -9.07
CA VAL A 88 15.49 6.12 -9.39
C VAL A 88 15.66 6.28 -10.92
N ALA A 89 15.52 5.18 -11.69
CA ALA A 89 15.66 5.17 -13.15
C ALA A 89 14.67 6.07 -13.88
N ILE A 90 13.41 6.14 -13.38
CA ILE A 90 12.33 6.97 -13.92
C ILE A 90 12.74 8.45 -13.96
N ALA A 91 13.44 8.93 -12.90
CA ALA A 91 13.94 10.29 -12.75
C ALA A 91 15.02 10.67 -13.77
N LEU A 92 15.64 9.66 -14.42
CA LEU A 92 16.68 9.84 -15.44
C LEU A 92 16.11 9.79 -16.88
N MET A 93 14.77 9.83 -17.00
CA MET A 93 14.05 9.82 -18.28
C MET A 93 13.38 11.20 -18.52
N PRO A 94 13.81 11.98 -19.52
CA PRO A 94 13.17 13.30 -19.75
C PRO A 94 11.79 13.19 -20.39
N ALA A 95 11.66 12.40 -21.49
CA ALA A 95 10.41 12.16 -22.20
C ALA A 95 9.86 10.78 -21.80
N GLN A 96 9.04 10.76 -20.74
CA GLN A 96 8.47 9.53 -20.18
C GLN A 96 6.97 9.37 -20.43
N GLY A 97 6.49 8.12 -20.36
CA GLY A 97 5.10 7.75 -20.56
C GLY A 97 4.71 6.54 -19.74
N SER A 98 3.60 6.64 -18.99
CA SER A 98 3.10 5.56 -18.15
C SER A 98 1.65 5.15 -18.50
N LEU A 99 0.64 5.72 -17.81
CA LEU A 99 -0.78 5.41 -18.03
C LEU A 99 -1.72 6.56 -17.65
N SER A 100 -1.22 7.55 -16.89
CA SER A 100 -1.99 8.72 -16.46
C SER A 100 -1.71 9.95 -17.36
N VAL A 101 -0.92 10.94 -16.90
CA VAL A 101 -0.58 12.16 -17.66
C VAL A 101 0.95 12.29 -17.79
N LEU A 102 1.65 12.60 -16.67
CA LEU A 102 3.10 12.78 -16.62
C LEU A 102 3.64 12.48 -15.22
N ARG A 103 4.81 11.79 -15.15
CA ARG A 103 5.47 11.43 -13.90
C ARG A 103 6.32 12.63 -13.38
N THR A 104 5.61 13.71 -12.98
CA THR A 104 6.20 14.94 -12.46
C THR A 104 6.25 14.93 -10.92
N PHE A 105 5.58 13.93 -10.29
CA PHE A 105 5.56 13.77 -8.83
C PHE A 105 6.82 13.02 -8.37
N ARG A 106 7.93 13.78 -8.25
CA ARG A 106 9.25 13.34 -7.82
C ARG A 106 9.25 12.92 -6.34
N ILE A 107 8.27 13.44 -5.56
CA ILE A 107 8.10 13.22 -4.13
C ILE A 107 7.80 11.74 -3.82
N PHE A 108 7.40 10.93 -4.84
CA PHE A 108 7.17 9.49 -4.71
C PHE A 108 8.48 8.77 -4.35
N ARG A 109 9.62 9.48 -4.45
CA ARG A 109 10.96 9.01 -4.10
C ARG A 109 11.08 8.84 -2.58
N VAL A 110 10.19 9.50 -1.81
CA VAL A 110 10.13 9.40 -0.34
C VAL A 110 9.53 8.02 0.07
N MET A 111 8.85 7.32 -0.87
CA MET A 111 8.33 5.96 -0.66
C MET A 111 9.52 4.99 -0.42
N ARG A 112 10.76 5.41 -0.76
CA ARG A 112 11.99 4.63 -0.56
C ARG A 112 12.27 4.47 0.94
N LEU A 113 11.70 5.34 1.81
CA LEU A 113 11.84 5.25 3.26
C LEU A 113 11.25 3.91 3.71
N VAL A 114 10.16 3.50 3.05
CA VAL A 114 9.48 2.23 3.30
C VAL A 114 10.39 1.06 2.90
N SER A 115 10.94 1.06 1.68
CA SER A 115 11.82 -0.01 1.18
C SER A 115 13.17 -0.12 1.89
N VAL A 116 13.76 1.01 2.32
CA VAL A 116 15.07 1.04 2.98
C VAL A 116 14.96 0.66 4.48
N ILE A 117 13.90 1.08 5.19
CA ILE A 117 13.72 0.75 6.61
C ILE A 117 12.99 -0.63 6.75
N PRO A 118 13.68 -1.69 7.26
CA PRO A 118 13.04 -3.02 7.33
C PRO A 118 11.73 -3.14 8.13
N THR A 119 11.58 -2.43 9.27
CA THR A 119 10.33 -2.47 10.06
C THR A 119 9.18 -1.87 9.26
N MET A 120 9.46 -0.81 8.49
CA MET A 120 8.48 -0.13 7.64
C MET A 120 8.15 -0.99 6.42
N ARG A 121 9.17 -1.66 5.87
CA ARG A 121 9.08 -2.61 4.76
C ARG A 121 8.13 -3.77 5.12
N ARG A 122 8.19 -4.24 6.39
CA ARG A 122 7.35 -5.32 6.92
C ARG A 122 5.87 -4.95 7.10
N VAL A 123 5.59 -3.67 7.40
CA VAL A 123 4.22 -3.15 7.55
C VAL A 123 3.53 -3.19 6.18
N VAL A 124 4.19 -2.66 5.14
CA VAL A 124 3.66 -2.66 3.79
C VAL A 124 3.53 -4.09 3.28
N GLN A 125 4.54 -4.95 3.54
CA GLN A 125 4.55 -6.38 3.20
C GLN A 125 3.33 -7.11 3.76
N GLY A 126 3.04 -6.89 5.04
CA GLY A 126 1.88 -7.47 5.72
C GLY A 126 0.57 -7.03 5.08
N MET A 127 0.45 -5.73 4.71
CA MET A 127 -0.73 -5.16 4.06
C MET A 127 -0.94 -5.74 2.67
N LEU A 128 0.12 -5.78 1.84
CA LEU A 128 0.12 -6.35 0.49
C LEU A 128 -0.24 -7.85 0.48
N LEU A 129 0.34 -8.63 1.42
CA LEU A 129 0.07 -10.07 1.50
C LEU A 129 -1.33 -10.38 2.03
N ALA A 130 -1.97 -9.41 2.71
CA ALA A 130 -3.32 -9.53 3.26
C ALA A 130 -4.41 -9.24 2.21
N LEU A 131 -4.02 -8.72 1.03
CA LEU A 131 -4.95 -8.34 -0.05
C LEU A 131 -5.63 -9.55 -0.72
N PRO A 132 -4.93 -10.62 -1.20
CA PRO A 132 -5.65 -11.75 -1.81
C PRO A 132 -6.82 -12.31 -0.99
N GLY A 133 -6.65 -12.37 0.34
CA GLY A 133 -7.65 -12.86 1.28
C GLY A 133 -8.91 -12.03 1.43
N VAL A 134 -8.88 -10.78 0.95
CA VAL A 134 -10.05 -9.87 1.02
C VAL A 134 -10.61 -9.55 -0.38
N GLY A 135 -10.01 -10.16 -1.42
CA GLY A 135 -10.39 -10.00 -2.82
C GLY A 135 -11.84 -10.23 -3.14
N SER A 136 -12.47 -11.23 -2.49
CA SER A 136 -13.87 -11.57 -2.68
C SER A 136 -14.81 -10.55 -2.00
N VAL A 137 -14.39 -9.99 -0.85
CA VAL A 137 -15.13 -8.95 -0.12
C VAL A 137 -15.08 -7.68 -0.97
N ALA A 138 -13.87 -7.33 -1.49
CA ALA A 138 -13.63 -6.17 -2.36
C ALA A 138 -14.44 -6.29 -3.67
N ALA A 139 -14.50 -7.51 -4.26
CA ALA A 139 -15.28 -7.80 -5.46
C ALA A 139 -16.77 -7.63 -5.16
N LEU A 140 -17.22 -8.12 -3.98
CA LEU A 140 -18.61 -7.96 -3.55
C LEU A 140 -18.96 -6.45 -3.46
N LEU A 141 -18.04 -5.63 -2.90
CA LEU A 141 -18.23 -4.18 -2.79
C LEU A 141 -18.24 -3.52 -4.18
N THR A 142 -17.38 -3.98 -5.10
CA THR A 142 -17.31 -3.51 -6.48
C THR A 142 -18.65 -3.82 -7.20
N VAL A 143 -19.19 -5.05 -7.03
CA VAL A 143 -20.48 -5.45 -7.63
C VAL A 143 -21.63 -4.53 -7.12
N VAL A 144 -21.71 -4.31 -5.80
CA VAL A 144 -22.74 -3.46 -5.17
C VAL A 144 -22.65 -2.03 -5.70
N PHE A 145 -21.43 -1.48 -5.81
CA PHE A 145 -21.21 -0.14 -6.34
C PHE A 145 -21.70 0.02 -7.76
N TYR A 146 -21.37 -0.94 -8.65
CA TYR A 146 -21.76 -0.95 -10.06
C TYR A 146 -23.27 -1.01 -10.23
N ILE A 147 -23.94 -1.98 -9.55
CA ILE A 147 -25.40 -2.12 -9.59
C ILE A 147 -26.07 -0.82 -9.13
N ALA A 148 -25.59 -0.27 -8.01
CA ALA A 148 -26.09 0.97 -7.43
C ALA A 148 -25.88 2.15 -8.37
N ALA A 149 -24.68 2.27 -9.01
CA ALA A 149 -24.36 3.35 -9.95
C ALA A 149 -25.27 3.35 -11.15
N VAL A 150 -25.54 2.16 -11.72
CA VAL A 150 -26.45 2.00 -12.87
C VAL A 150 -27.85 2.41 -12.42
N MET A 151 -28.33 1.91 -11.27
CA MET A 151 -29.65 2.23 -10.72
C MET A 151 -29.82 3.72 -10.48
N ALA A 152 -28.82 4.37 -9.82
CA ALA A 152 -28.82 5.79 -9.51
C ALA A 152 -28.83 6.66 -10.80
N THR A 153 -28.07 6.24 -11.84
CA THR A 153 -28.05 6.95 -13.11
C THR A 153 -29.43 6.95 -13.75
N ASN A 154 -30.05 5.76 -13.88
CA ASN A 154 -31.40 5.59 -14.45
C ASN A 154 -32.47 6.29 -13.62
N LEU A 155 -32.43 6.14 -12.29
CA LEU A 155 -33.41 6.75 -11.41
C LEU A 155 -33.35 8.26 -11.28
N TYR A 156 -32.15 8.83 -11.04
CA TYR A 156 -31.95 10.25 -10.70
C TYR A 156 -31.16 11.13 -11.65
N GLY A 157 -30.60 10.55 -12.70
CA GLY A 157 -29.77 11.30 -13.65
C GLY A 157 -30.44 12.44 -14.39
N ALA A 158 -31.70 12.27 -14.81
CA ALA A 158 -32.40 13.34 -15.54
C ALA A 158 -32.80 14.54 -14.65
N THR A 159 -33.06 14.30 -13.35
CA THR A 159 -33.48 15.32 -12.40
C THR A 159 -32.31 15.86 -11.56
N PHE A 160 -31.22 15.07 -11.42
CA PHE A 160 -30.02 15.44 -10.66
C PHE A 160 -28.78 15.14 -11.52
N PRO A 161 -28.58 15.84 -12.67
CA PRO A 161 -27.44 15.49 -13.54
C PRO A 161 -26.05 15.77 -12.99
N GLU A 162 -25.89 16.71 -12.01
CA GLU A 162 -24.56 16.98 -11.43
C GLU A 162 -24.06 15.78 -10.65
N TRP A 163 -24.97 15.14 -9.88
CA TRP A 163 -24.66 14.01 -9.02
C TRP A 163 -24.88 12.65 -9.70
N PHE A 164 -25.86 12.52 -10.59
CA PHE A 164 -26.14 11.21 -11.15
C PHE A 164 -26.30 11.18 -12.67
N GLY A 165 -25.85 12.23 -13.36
CA GLY A 165 -26.01 12.41 -14.80
C GLY A 165 -25.47 11.32 -15.69
N ASP A 166 -24.44 10.63 -15.21
CA ASP A 166 -23.82 9.51 -15.92
C ASP A 166 -23.28 8.53 -14.90
N LEU A 167 -22.80 7.37 -15.35
CA LEU A 167 -22.24 6.32 -14.53
C LEU A 167 -21.04 6.78 -13.67
N SER A 168 -20.15 7.60 -14.24
CA SER A 168 -18.97 8.15 -13.53
C SER A 168 -19.38 9.07 -12.40
N LYS A 169 -20.37 9.96 -12.66
CA LYS A 169 -20.90 10.89 -11.68
C LYS A 169 -21.56 10.13 -10.55
N SER A 170 -22.35 9.09 -10.86
CA SER A 170 -23.02 8.26 -9.85
C SER A 170 -22.03 7.46 -9.01
N LEU A 171 -20.95 6.93 -9.59
CA LEU A 171 -19.94 6.19 -8.83
C LEU A 171 -19.32 7.14 -7.81
N TYR A 172 -18.99 8.37 -8.24
CA TYR A 172 -18.42 9.38 -7.36
C TYR A 172 -19.36 9.75 -6.18
N THR A 173 -20.65 10.04 -6.44
CA THR A 173 -21.52 10.45 -5.32
C THR A 173 -21.91 9.26 -4.44
N LEU A 174 -21.87 8.03 -4.96
CA LEU A 174 -22.13 6.84 -4.14
C LEU A 174 -20.96 6.59 -3.20
N PHE A 175 -19.72 6.86 -3.66
CA PHE A 175 -18.54 6.77 -2.80
C PHE A 175 -18.69 7.78 -1.64
N GLN A 176 -19.11 9.02 -1.94
CA GLN A 176 -19.37 10.10 -0.99
C GLN A 176 -20.47 9.68 0.02
N VAL A 177 -21.59 9.12 -0.49
CA VAL A 177 -22.71 8.63 0.32
C VAL A 177 -22.19 7.52 1.27
N MET A 178 -21.39 6.56 0.74
CA MET A 178 -20.77 5.49 1.53
C MET A 178 -19.89 6.06 2.66
N THR A 179 -19.13 7.13 2.40
CA THR A 179 -18.30 7.78 3.42
C THR A 179 -19.15 8.60 4.41
N LEU A 180 -20.49 8.70 4.16
CA LEU A 180 -21.49 9.42 4.98
C LEU A 180 -21.34 10.94 4.92
N GLU A 181 -20.58 11.44 3.96
CA GLU A 181 -20.27 12.86 3.81
C GLU A 181 -21.43 13.60 3.17
N SER A 182 -22.11 14.49 3.95
CA SER A 182 -23.28 15.30 3.55
C SER A 182 -24.33 14.45 2.82
N TRP A 183 -24.39 13.14 3.11
CA TRP A 183 -25.25 12.21 2.40
C TRP A 183 -26.71 12.61 2.45
N SER A 184 -27.17 13.16 3.58
CA SER A 184 -28.56 13.55 3.77
C SER A 184 -28.81 15.01 3.50
N MET A 185 -28.09 15.92 4.18
CA MET A 185 -28.34 17.36 3.96
C MET A 185 -27.95 17.82 2.56
N GLY A 186 -26.90 17.20 2.00
CA GLY A 186 -26.39 17.57 0.69
C GLY A 186 -26.94 16.79 -0.47
N ILE A 187 -27.23 15.48 -0.31
CA ILE A 187 -27.68 14.66 -1.43
C ILE A 187 -29.13 14.13 -1.32
N VAL A 188 -29.44 13.30 -0.32
CA VAL A 188 -30.72 12.59 -0.24
C VAL A 188 -31.91 13.49 0.13
N ARG A 189 -31.78 14.48 1.05
CA ARG A 189 -32.93 15.36 1.28
C ARG A 189 -33.29 16.14 -0.01
N PRO A 190 -32.33 16.78 -0.73
CA PRO A 190 -32.70 17.42 -2.01
C PRO A 190 -33.31 16.43 -3.03
N VAL A 191 -32.83 15.18 -3.08
CA VAL A 191 -33.33 14.15 -4.01
C VAL A 191 -34.76 13.73 -3.63
N MET A 192 -35.04 13.60 -2.32
CA MET A 192 -36.35 13.25 -1.82
C MET A 192 -37.41 14.30 -2.09
N ASN A 193 -37.01 15.57 -2.35
CA ASN A 193 -37.97 16.62 -2.69
C ASN A 193 -38.60 16.35 -4.05
N VAL A 194 -37.89 15.67 -4.95
CA VAL A 194 -38.39 15.30 -6.27
C VAL A 194 -38.90 13.82 -6.28
N HIS A 195 -38.13 12.90 -5.66
CA HIS A 195 -38.40 11.46 -5.57
C HIS A 195 -38.59 11.12 -4.11
N PRO A 196 -39.84 11.19 -3.55
CA PRO A 196 -40.01 10.99 -2.09
C PRO A 196 -39.58 9.64 -1.51
N ASN A 197 -39.51 8.59 -2.32
CA ASN A 197 -39.12 7.28 -1.81
C ASN A 197 -37.65 6.98 -2.03
N ALA A 198 -36.82 8.01 -2.32
CA ALA A 198 -35.39 7.85 -2.56
C ALA A 198 -34.65 7.18 -1.41
N TRP A 199 -35.16 7.31 -0.16
CA TRP A 199 -34.56 6.71 1.03
C TRP A 199 -34.50 5.16 0.95
N VAL A 200 -35.48 4.51 0.25
CA VAL A 200 -35.58 3.05 0.03
C VAL A 200 -34.36 2.57 -0.76
N PHE A 201 -33.71 3.47 -1.49
CA PHE A 201 -32.51 3.18 -2.25
C PHE A 201 -31.26 3.49 -1.43
N PHE A 202 -31.10 4.75 -0.95
CA PHE A 202 -29.91 5.23 -0.25
C PHE A 202 -29.69 4.65 1.14
N ILE A 203 -30.74 4.45 1.95
CA ILE A 203 -30.55 3.89 3.30
C ILE A 203 -30.05 2.40 3.18
N PRO A 204 -30.69 1.46 2.41
CA PRO A 204 -30.08 0.12 2.23
C PRO A 204 -28.70 0.17 1.56
N PHE A 205 -28.44 1.14 0.66
CA PHE A 205 -27.12 1.28 0.03
C PHE A 205 -26.06 1.53 1.12
N ILE A 206 -26.33 2.50 2.04
CA ILE A 206 -25.45 2.87 3.16
C ILE A 206 -25.25 1.67 4.09
N MET A 207 -26.33 0.99 4.49
CA MET A 207 -26.28 -0.17 5.40
C MET A 207 -25.35 -1.26 4.85
N LEU A 208 -25.53 -1.64 3.59
CA LEU A 208 -24.76 -2.65 2.89
C LEU A 208 -23.29 -2.28 2.68
N THR A 209 -23.02 -1.06 2.16
CA THR A 209 -21.65 -0.65 1.84
C THR A 209 -20.79 -0.34 3.06
N THR A 210 -21.36 0.25 4.11
CA THR A 210 -20.57 0.56 5.31
C THR A 210 -20.19 -0.74 5.98
N LEU A 211 -21.13 -1.71 6.02
CA LEU A 211 -20.87 -3.04 6.54
C LEU A 211 -19.77 -3.76 5.73
N THR A 212 -19.87 -3.77 4.39
CA THR A 212 -18.93 -4.45 3.48
C THR A 212 -17.54 -3.79 3.52
N VAL A 213 -17.48 -2.44 3.52
CA VAL A 213 -16.22 -1.71 3.59
C VAL A 213 -15.53 -1.93 4.96
N LEU A 214 -16.31 -1.99 6.06
CA LEU A 214 -15.76 -2.24 7.38
C LEU A 214 -15.20 -3.67 7.42
N ASN A 215 -15.94 -4.61 6.82
CA ASN A 215 -15.50 -5.98 6.71
C ASN A 215 -14.17 -6.06 5.94
N LEU A 216 -14.07 -5.31 4.82
CA LEU A 216 -12.87 -5.24 3.99
C LEU A 216 -11.67 -4.70 4.77
N PHE A 217 -11.85 -3.60 5.52
CA PHE A 217 -10.81 -2.96 6.33
C PHE A 217 -10.36 -3.82 7.49
N ILE A 218 -11.31 -4.38 8.27
CA ILE A 218 -11.03 -5.29 9.38
C ILE A 218 -10.25 -6.52 8.88
N GLY A 219 -10.67 -7.09 7.76
CA GLY A 219 -10.01 -8.21 7.11
C GLY A 219 -8.57 -7.93 6.77
N ILE A 220 -8.28 -6.70 6.29
CA ILE A 220 -6.92 -6.30 5.95
C ILE A 220 -6.07 -6.15 7.21
N ILE A 221 -6.58 -5.39 8.20
CA ILE A 221 -5.89 -5.07 9.45
C ILE A 221 -5.55 -6.32 10.26
N VAL A 222 -6.54 -7.21 10.47
CA VAL A 222 -6.36 -8.46 11.23
C VAL A 222 -5.28 -9.38 10.60
N ASP A 223 -5.35 -9.65 9.27
CA ASP A 223 -4.39 -10.48 8.54
C ASP A 223 -3.02 -9.83 8.46
N ALA A 224 -2.96 -8.52 8.11
CA ALA A 224 -1.72 -7.76 7.98
C ALA A 224 -0.94 -7.73 9.28
N MET A 225 -1.65 -7.53 10.42
CA MET A 225 -1.03 -7.50 11.74
C MET A 225 -0.36 -8.81 12.10
N ALA A 226 -1.01 -9.95 11.76
CA ALA A 226 -0.50 -11.29 12.01
C ALA A 226 0.70 -11.61 11.10
N ILE A 227 0.65 -11.23 9.79
CA ILE A 227 1.74 -11.44 8.84
C ILE A 227 2.99 -10.67 9.28
N THR A 228 2.83 -9.36 9.58
CA THR A 228 3.91 -8.48 10.04
C THR A 228 4.55 -9.02 11.33
N LYS A 229 3.70 -9.48 12.30
CA LYS A 229 4.11 -10.04 13.59
C LYS A 229 5.05 -11.26 13.37
N GLU A 230 4.66 -12.16 12.44
CA GLU A 230 5.40 -13.35 12.04
C GLU A 230 6.72 -12.96 11.37
N GLN A 231 6.68 -11.93 10.49
CA GLN A 231 7.83 -11.42 9.77
C GLN A 231 8.84 -10.73 10.70
N GLU A 232 8.34 -10.06 11.77
CA GLU A 232 9.15 -9.40 12.79
C GLU A 232 9.90 -10.46 13.62
N GLU A 233 9.23 -11.60 13.88
CA GLU A 233 9.77 -12.74 14.62
C GLU A 233 10.87 -13.44 13.82
N GLU A 234 10.63 -13.69 12.52
CA GLU A 234 11.60 -14.34 11.62
C GLU A 234 12.86 -13.48 11.39
N ALA A 235 12.69 -12.16 11.39
CA ALA A 235 13.78 -11.20 11.20
C ALA A 235 14.68 -11.10 12.43
N LYS A 236 14.13 -11.36 13.63
CA LYS A 236 14.85 -11.29 14.90
C LYS A 236 15.44 -12.62 15.36
N THR A 237 14.69 -13.71 15.25
CA THR A 237 15.10 -15.03 15.74
C THR A 237 15.45 -16.05 14.65
N GLY A 238 14.98 -15.82 13.42
CA GLY A 238 15.21 -16.73 12.30
C GLY A 238 13.99 -17.58 11.97
N HIS A 239 13.04 -17.65 12.92
CA HIS A 239 11.80 -18.40 12.81
C HIS A 239 10.63 -17.65 13.50
N HIS A 240 9.39 -18.09 13.23
CA HIS A 240 8.19 -17.50 13.84
C HIS A 240 7.51 -18.48 14.79
N GLN A 241 6.61 -17.97 15.66
CA GLN A 241 5.85 -18.78 16.61
C GLN A 241 4.88 -19.69 15.86
N GLU A 242 4.87 -20.99 16.20
CA GLU A 242 3.98 -21.95 15.56
C GLU A 242 2.51 -21.75 16.01
N PRO A 243 1.50 -22.00 15.13
CA PRO A 243 0.11 -21.82 15.58
C PRO A 243 -0.30 -22.82 16.66
N ILE A 244 -1.29 -22.43 17.49
CA ILE A 244 -1.84 -23.23 18.60
C ILE A 244 -2.24 -24.63 18.12
N SER A 245 -2.83 -24.72 16.90
CA SER A 245 -3.26 -25.96 16.24
C SER A 245 -2.10 -26.93 16.04
N GLN A 246 -0.93 -26.42 15.64
CA GLN A 246 0.29 -27.21 15.43
C GLN A 246 0.88 -27.69 16.77
N THR A 247 0.85 -26.82 17.81
CA THR A 247 1.34 -27.13 19.16
C THR A 247 0.50 -28.25 19.77
N LEU A 248 -0.83 -28.20 19.57
CA LEU A 248 -1.79 -29.19 20.06
C LEU A 248 -1.69 -30.50 19.26
N LEU A 249 -1.28 -30.40 17.97
CA LEU A 249 -1.08 -31.54 17.07
C LEU A 249 0.13 -32.37 17.55
N HIS A 250 1.25 -31.68 17.86
CA HIS A 250 2.49 -32.30 18.35
C HIS A 250 2.33 -32.85 19.76
N LEU A 251 1.44 -32.24 20.56
CA LEU A 251 1.11 -32.65 21.92
C LEU A 251 0.29 -33.94 21.86
N GLY A 252 -0.56 -34.04 20.82
CA GLY A 252 -1.39 -35.21 20.54
C GLY A 252 -0.58 -36.39 20.06
N ASP A 253 0.49 -36.12 19.28
CA ASP A 253 1.41 -37.13 18.74
C ASP A 253 2.24 -37.76 19.87
N ARG A 254 2.65 -36.93 20.87
CA ARG A 254 3.41 -37.36 22.05
C ARG A 254 2.56 -38.27 22.94
N LEU A 255 1.24 -38.01 23.00
CA LEU A 255 0.28 -38.80 23.77
C LEU A 255 -0.02 -40.13 23.09
N ASP A 256 0.02 -40.16 21.75
CA ASP A 256 -0.17 -41.38 20.94
C ASP A 256 1.05 -42.28 21.04
N ARG A 257 2.24 -41.66 21.21
CA ARG A 257 3.54 -42.33 21.35
C ARG A 257 3.64 -43.02 22.71
N ILE A 258 3.17 -42.35 23.80
CA ILE A 258 3.21 -42.91 25.15
C ILE A 258 2.11 -43.97 25.34
N GLU A 259 0.98 -43.86 24.59
CA GLU A 259 -0.15 -44.80 24.63
C GLU A 259 0.29 -46.14 24.05
N LYS A 260 1.14 -46.10 23.00
CA LYS A 260 1.73 -47.26 22.31
C LYS A 260 2.72 -47.94 23.27
N GLN A 261 3.51 -47.14 24.02
CA GLN A 261 4.51 -47.59 25.00
C GLN A 261 3.88 -47.81 26.40
N LEU A 262 2.61 -48.29 26.43
CA LEU A 262 1.87 -48.57 27.66
C LEU A 262 0.89 -49.74 27.54
N ALA A 263 0.17 -49.81 26.40
CA ALA A 263 -0.84 -50.83 26.14
C ALA A 263 -0.27 -52.24 25.93
N GLN A 264 0.76 -52.39 25.09
CA GLN A 264 1.35 -53.70 24.77
C GLN A 264 2.71 -53.95 25.45
N ASN A 265 3.70 -53.06 25.22
CA ASN A 265 5.04 -53.22 25.78
C ASN A 265 5.25 -52.45 27.10
N ASN A 266 4.52 -52.87 28.15
CA ASN A 266 4.58 -52.32 29.51
C ASN A 266 3.88 -53.25 30.50
NA NA B . -18.09 10.49 9.91
NA NA C . -20.22 16.08 7.66
NA NA D . -21.22 18.72 6.61
C9 2CV E . -34.49 2.99 9.87
C12 2CV E . -34.90 4.35 9.39
C15 2CV E . -35.84 4.34 8.21
C18 2CV E . -36.43 5.68 7.91
C21 2CV E . -37.37 5.69 6.74
C24 2CV E . -38.47 6.69 6.85
C27 2CV E . -38.58 7.58 5.63
C30 2CV E . -40.01 7.81 5.19
N33 2CV E . -40.33 9.01 4.64
O34 2CV E . -40.85 6.93 5.34
C35 2CV E . -41.71 9.28 4.17
C36 2CV E . -39.33 10.06 4.47
C37 2CV E . -39.59 11.37 5.19
C40 2CV E . -39.99 12.46 4.18
C41 2CV E . -39.27 13.80 4.33
C42 2CV E . -39.65 14.81 3.24
C43 2CV E . -39.06 14.53 1.82
O44 2CV E . -37.86 15.27 1.57
O47 2CV E . -38.46 11.74 5.99
O49 2CV E . -41.41 12.66 4.25
O51 2CV E . -37.86 13.65 4.35
O53 2CV E . -39.33 16.12 3.70
C60 2CV E . -41.95 8.86 2.75
O63 2CV E . -43.19 9.38 2.25
C1 2CV E . -33.59 3.05 11.09
C0 2CV E . -33.15 1.69 11.62
C18 12P F . -27.22 -1.98 -4.16
C17 12P F . -28.53 -1.32 -4.42
O16 12P F . -29.11 -0.88 -3.20
C15 12P F . -30.35 -1.54 -2.89
C14 12P F . -31.50 -0.63 -3.12
O13 12P F . -32.72 -1.33 -2.96
C12 12P F . -33.57 -1.25 -4.11
C11 12P F . -34.68 -0.29 -3.91
O10 12P F . -35.02 0.29 -5.16
C9 12P F . -36.19 1.09 -5.12
C8 12P F . -35.84 2.49 -5.52
O7 12P F . -37.01 3.28 -5.73
C6 12P F . -37.12 4.39 -4.85
C5 12P F . -36.50 5.63 -5.43
O4 12P F . -37.47 6.52 -5.95
C3 12P F . -37.05 7.13 -7.16
C2 12P F . -38.12 7.00 -8.22
O1 12P F . -37.71 7.57 -9.46
C7 ME2 G . -33.33 -13.55 10.93
C6 ME2 G . -33.08 -12.49 11.95
O3 ME2 G . -32.10 -11.58 11.48
C5 ME2 G . -32.27 -10.27 11.98
C4 ME2 G . -31.00 -9.48 11.89
O2 ME2 G . -30.81 -8.98 10.57
C3 ME2 G . -30.53 -7.59 10.53
C2 ME2 G . -29.37 -7.30 9.64
O1 ME2 G . -29.16 -5.90 9.54
C1 ME2 G . -28.08 -5.55 8.69
C9 2CV H . -21.12 5.95 12.46
C12 2CV H . -22.42 5.14 12.38
C15 2CV H . -22.47 4.21 11.17
C18 2CV H . -23.87 3.92 10.63
C21 2CV H . -23.86 2.95 9.47
C24 2CV H . -25.22 2.74 8.81
C27 2CV H . -26.12 1.74 9.53
C1 2CV H . -20.48 6.03 13.84
C0 2CV H . -19.73 4.77 14.29
#